data_2EV4
#
_entry.id   2EV4
#
_cell.length_a   120.081
_cell.length_b   53.916
_cell.length_c   89.814
_cell.angle_alpha   90.00
_cell.angle_beta   132.34
_cell.angle_gamma   90.00
#
_symmetry.space_group_name_H-M   'C 1 2 1'
#
loop_
_entity.id
_entity.type
_entity.pdbx_description
1 polymer 'Hypothetical protein Rv1264/MT1302'
2 non-polymer 'CHLORIDE ION'
3 non-polymer 'OLEIC ACID'
4 water water
#
_entity_poly.entity_id   1
_entity_poly.type   'polypeptide(L)'
_entity_poly.pdbx_seq_one_letter_code
;MRGSHHHHHHGSMTDHVREADDANIDDLLGDLGGTARAERAKLVEWLLEQGITPDEIRATNPPLLLATRHLVGDDGTYVS
AREISENYGVDLELLQRVQRAVGLARVDDPDAVVHMRADGEAAARAQRFVELGLNPDQVVLVVRVLAEGLSHAAEAMRYT
ALEAIMRPGATELDIAKGSQALVSQIVPLLGPMIQDMLFMQLRHMMETEAVNAGERAAGSSP
;
_entity_poly.pdbx_strand_id   A,B
#
# COMPACT_ATOMS: atom_id res chain seq x y z
N ALA A 23 15.50 -25.42 -32.88
CA ALA A 23 14.07 -25.42 -33.35
C ALA A 23 13.01 -25.67 -32.26
N ASN A 24 13.44 -26.00 -31.03
CA ASN A 24 12.54 -26.06 -29.89
C ASN A 24 11.90 -24.69 -29.71
N ILE A 25 12.71 -23.66 -29.93
CA ILE A 25 12.24 -22.28 -29.88
C ILE A 25 11.05 -22.09 -30.81
N ASP A 26 11.03 -22.79 -31.93
CA ASP A 26 9.96 -22.64 -32.91
C ASP A 26 8.54 -22.78 -32.31
N ASP A 27 8.33 -23.79 -31.45
CA ASP A 27 7.02 -23.95 -30.79
C ASP A 27 6.73 -22.92 -29.69
N LEU A 28 7.66 -21.98 -29.47
CA LEU A 28 7.47 -20.88 -28.50
C LEU A 28 7.22 -19.53 -29.19
N LEU A 29 7.16 -19.53 -30.52
CA LEU A 29 6.98 -18.29 -31.25
C LEU A 29 5.51 -18.12 -31.60
N GLY A 30 4.80 -19.25 -31.64
CA GLY A 30 3.37 -19.27 -31.89
C GLY A 30 3.06 -19.04 -33.35
N ASP A 31 2.00 -18.27 -33.58
CA ASP A 31 1.53 -17.90 -34.92
C ASP A 31 2.06 -16.57 -35.42
N LEU A 32 3.13 -16.03 -34.82
CA LEU A 32 3.72 -14.79 -35.32
C LEU A 32 4.45 -15.02 -36.66
N GLY A 33 4.55 -13.97 -37.48
CA GLY A 33 5.32 -14.00 -38.72
C GLY A 33 6.26 -12.80 -38.91
N GLY A 34 7.08 -12.86 -39.96
CA GLY A 34 7.91 -11.71 -40.38
C GLY A 34 8.87 -11.13 -39.34
N THR A 35 8.89 -9.80 -39.22
CA THR A 35 9.74 -9.07 -38.30
C THR A 35 9.46 -9.49 -36.88
N ALA A 36 8.16 -9.57 -36.57
CA ALA A 36 7.66 -9.88 -35.24
C ALA A 36 8.00 -11.29 -34.81
N ARG A 37 8.11 -12.22 -35.78
CA ARG A 37 8.51 -13.60 -35.44
C ARG A 37 9.99 -13.69 -35.07
N ALA A 38 10.84 -13.03 -35.88
CA ALA A 38 12.28 -12.98 -35.65
C ALA A 38 12.64 -12.18 -34.36
N GLU A 39 11.83 -11.17 -34.02
CA GLU A 39 12.04 -10.44 -32.75
C GLU A 39 11.62 -11.29 -31.57
N ARG A 40 10.50 -11.99 -31.73
CA ARG A 40 10.06 -12.94 -30.69
C ARG A 40 11.10 -14.04 -30.46
N ALA A 41 11.73 -14.50 -31.52
CA ALA A 41 12.83 -15.48 -31.42
C ALA A 41 13.98 -14.96 -30.58
N LYS A 42 14.40 -13.72 -30.84
CA LYS A 42 15.50 -13.07 -30.07
C LYS A 42 15.10 -12.84 -28.62
N LEU A 43 13.84 -12.48 -28.39
CA LEU A 43 13.32 -12.34 -27.04
C LEU A 43 13.34 -13.68 -26.28
N VAL A 44 12.79 -14.71 -26.92
CA VAL A 44 12.71 -16.05 -26.32
C VAL A 44 14.09 -16.64 -25.95
N GLU A 45 15.07 -16.44 -26.84
CA GLU A 45 16.44 -16.91 -26.62
C GLU A 45 17.05 -16.29 -25.35
N TRP A 46 16.77 -15.00 -25.14
CA TRP A 46 17.22 -14.28 -23.96
C TRP A 46 16.46 -14.67 -22.67
N LEU A 47 15.14 -14.77 -22.74
CA LEU A 47 14.34 -15.24 -21.63
C LEU A 47 14.85 -16.59 -21.10
N LEU A 48 15.18 -17.49 -22.03
CA LEU A 48 15.72 -18.81 -21.67
C LEU A 48 17.06 -18.66 -20.96
N GLU A 49 17.86 -17.71 -21.40
CA GLU A 49 19.11 -17.42 -20.72
C GLU A 49 18.85 -16.92 -19.31
N GLN A 50 17.75 -16.21 -19.09
CA GLN A 50 17.39 -15.71 -17.75
C GLN A 50 16.85 -16.78 -16.82
N GLY A 51 16.52 -17.95 -17.35
CA GLY A 51 16.04 -19.07 -16.53
C GLY A 51 14.54 -19.26 -16.61
N ILE A 52 13.91 -18.55 -17.55
CA ILE A 52 12.50 -18.68 -17.79
C ILE A 52 12.37 -19.99 -18.59
N THR A 53 11.54 -20.91 -18.15
CA THR A 53 11.44 -22.19 -18.88
C THR A 53 10.50 -22.07 -20.08
N PRO A 54 10.65 -22.98 -21.07
CA PRO A 54 9.71 -23.01 -22.18
C PRO A 54 8.27 -23.00 -21.69
N ASP A 55 8.03 -23.70 -20.58
CA ASP A 55 6.71 -23.76 -19.95
C ASP A 55 6.24 -22.40 -19.48
N GLU A 56 7.11 -21.67 -18.76
CA GLU A 56 6.78 -20.32 -18.29
C GLU A 56 6.44 -19.41 -19.48
N ILE A 57 7.20 -19.56 -20.57
CA ILE A 57 7.01 -18.74 -21.77
C ILE A 57 5.70 -19.06 -22.48
N ARG A 58 5.39 -20.35 -22.62
CA ARG A 58 4.15 -20.78 -23.27
C ARG A 58 2.93 -20.29 -22.49
N ALA A 59 2.96 -20.48 -21.18
CA ALA A 59 1.90 -20.04 -20.27
C ALA A 59 1.66 -18.52 -20.26
N THR A 60 2.72 -17.73 -20.48
CA THR A 60 2.66 -16.26 -20.41
C THR A 60 2.79 -15.61 -21.80
N ASN A 61 1.69 -15.01 -22.27
CA ASN A 61 1.60 -14.54 -23.66
C ASN A 61 0.86 -13.19 -23.82
N PRO A 62 1.57 -12.12 -24.27
CA PRO A 62 3.00 -12.01 -24.60
C PRO A 62 3.91 -12.26 -23.43
N PRO A 63 5.06 -12.89 -23.69
CA PRO A 63 6.05 -13.18 -22.66
C PRO A 63 7.02 -12.04 -22.34
N LEU A 64 6.68 -10.83 -22.80
CA LEU A 64 7.57 -9.65 -22.78
C LEU A 64 8.17 -9.32 -21.40
N LEU A 65 7.35 -9.29 -20.36
CA LEU A 65 7.85 -8.98 -19.04
C LEU A 65 7.88 -10.20 -18.10
N LEU A 66 8.27 -11.35 -18.64
CA LEU A 66 8.58 -12.50 -17.82
C LEU A 66 9.87 -12.33 -17.04
N ALA A 67 10.83 -11.61 -17.59
CA ALA A 67 12.07 -11.35 -16.86
C ALA A 67 12.01 -10.15 -15.90
N THR A 68 10.92 -9.38 -15.90
CA THR A 68 10.61 -8.37 -14.86
C THR A 68 9.88 -8.98 -13.65
N ARG A 69 9.17 -10.08 -13.89
CA ARG A 69 8.39 -10.76 -12.86
C ARG A 69 9.13 -11.06 -11.55
N HIS A 70 10.38 -11.54 -11.65
CA HIS A 70 11.16 -11.86 -10.45
C HIS A 70 11.46 -10.65 -9.59
N LEU A 71 11.49 -9.48 -10.21
CA LEU A 71 11.74 -8.22 -9.52
C LEU A 71 10.54 -7.80 -8.66
N VAL A 72 9.34 -8.32 -8.97
CA VAL A 72 8.16 -8.05 -8.16
C VAL A 72 7.80 -9.26 -7.28
N GLY A 73 8.75 -10.18 -7.15
CA GLY A 73 8.68 -11.24 -6.15
C GLY A 73 8.39 -12.65 -6.63
N ASP A 74 8.20 -12.84 -7.93
CA ASP A 74 7.99 -14.17 -8.47
C ASP A 74 9.35 -14.76 -8.83
N ASP A 75 9.79 -15.72 -8.04
CA ASP A 75 11.04 -16.44 -8.28
C ASP A 75 10.76 -17.74 -9.04
N GLY A 76 9.54 -17.91 -9.53
CA GLY A 76 9.15 -19.16 -10.17
C GLY A 76 8.94 -20.35 -9.23
N THR A 77 9.09 -20.14 -7.90
CA THR A 77 8.81 -21.23 -6.93
C THR A 77 7.36 -21.24 -6.47
N TYR A 78 6.81 -22.45 -6.36
CA TYR A 78 5.42 -22.64 -6.01
C TYR A 78 5.29 -23.53 -4.81
N VAL A 79 4.18 -23.37 -4.11
CA VAL A 79 3.88 -24.12 -2.89
C VAL A 79 2.40 -24.49 -2.88
N SER A 80 2.04 -25.35 -1.93
CA SER A 80 0.66 -25.69 -1.64
C SER A 80 0.15 -24.88 -0.45
N ALA A 81 -1.16 -24.88 -0.26
CA ALA A 81 -1.80 -24.16 0.83
C ALA A 81 -1.40 -24.76 2.19
N ARG A 82 -1.18 -26.08 2.19
CA ARG A 82 -0.75 -26.79 3.38
C ARG A 82 0.66 -26.31 3.76
N GLU A 83 1.53 -26.23 2.75
CA GLU A 83 2.89 -25.66 2.92
C GLU A 83 2.84 -24.24 3.45
N ILE A 84 1.95 -23.44 2.90
CA ILE A 84 1.78 -22.06 3.33
C ILE A 84 1.33 -22.03 4.79
N SER A 85 0.28 -22.80 5.10
CA SER A 85 -0.29 -22.80 6.44
C SER A 85 0.70 -23.23 7.51
N GLU A 86 1.58 -24.19 7.18
CA GLU A 86 2.59 -24.69 8.11
C GLU A 86 3.88 -23.88 8.17
N ASN A 87 4.41 -23.46 7.02
CA ASN A 87 5.61 -22.61 6.99
C ASN A 87 5.38 -21.21 7.58
N TYR A 88 4.25 -20.58 7.23
CA TYR A 88 4.01 -19.20 7.65
C TYR A 88 3.12 -19.07 8.88
N GLY A 89 2.51 -20.17 9.31
CA GLY A 89 1.79 -20.20 10.59
C GLY A 89 0.28 -20.00 10.53
N VAL A 90 -0.25 -19.67 9.34
CA VAL A 90 -1.69 -19.37 9.16
C VAL A 90 -2.61 -20.60 9.18
N ASP A 91 -3.88 -20.38 9.52
CA ASP A 91 -4.89 -21.43 9.51
C ASP A 91 -5.47 -21.58 8.10
N LEU A 92 -5.63 -22.82 7.67
CA LEU A 92 -5.95 -23.14 6.28
C LEU A 92 -7.27 -22.56 5.76
N GLU A 93 -8.27 -22.42 6.64
CA GLU A 93 -9.57 -21.87 6.24
C GLU A 93 -9.45 -20.40 5.91
N LEU A 94 -8.77 -19.66 6.79
CA LEU A 94 -8.55 -18.23 6.58
C LEU A 94 -7.75 -18.00 5.30
N LEU A 95 -6.72 -18.81 5.13
CA LEU A 95 -5.85 -18.71 3.96
C LEU A 95 -6.61 -18.74 2.65
N GLN A 96 -7.49 -19.73 2.53
CA GLN A 96 -8.40 -19.83 1.38
C GLN A 96 -9.27 -18.58 1.18
N ARG A 97 -9.86 -18.06 2.25
CA ARG A 97 -10.69 -16.85 2.17
C ARG A 97 -9.94 -15.64 1.61
N VAL A 98 -8.71 -15.46 2.11
CA VAL A 98 -7.86 -14.37 1.71
C VAL A 98 -7.48 -14.50 0.24
N GLN A 99 -7.14 -15.71 -0.18
CA GLN A 99 -6.84 -15.98 -1.60
C GLN A 99 -8.02 -15.61 -2.51
N ARG A 100 -9.26 -15.93 -2.07
CA ARG A 100 -10.47 -15.52 -2.79
C ARG A 100 -10.56 -14.00 -2.88
N ALA A 101 -10.45 -13.33 -1.74
CA ALA A 101 -10.55 -11.85 -1.69
C ALA A 101 -9.59 -11.12 -2.63
N VAL A 102 -8.42 -11.72 -2.84
CA VAL A 102 -7.33 -11.13 -3.60
C VAL A 102 -7.48 -11.28 -5.11
N GLY A 103 -8.19 -12.32 -5.54
CA GLY A 103 -8.49 -12.56 -6.94
C GLY A 103 -7.67 -13.67 -7.57
N LEU A 104 -7.06 -14.50 -6.73
CA LEU A 104 -6.10 -15.50 -7.20
C LEU A 104 -6.77 -16.84 -7.51
N ALA A 105 -6.04 -17.92 -7.26
CA ALA A 105 -6.48 -19.26 -7.57
C ALA A 105 -7.85 -19.48 -7.00
N ARG A 106 -8.81 -19.55 -7.91
CA ARG A 106 -10.23 -19.67 -7.60
C ARG A 106 -10.50 -20.46 -6.30
N VAL A 107 -9.98 -21.68 -6.20
CA VAL A 107 -10.07 -22.50 -4.99
C VAL A 107 -9.52 -23.89 -5.33
N ASP A 108 -8.52 -24.35 -4.57
CA ASP A 108 -7.77 -25.56 -5.00
C ASP A 108 -7.82 -26.78 -4.04
N ASP A 109 -6.77 -27.62 -4.09
CA ASP A 109 -6.54 -28.75 -3.17
C ASP A 109 -5.31 -28.44 -2.29
N PRO A 110 -5.40 -28.65 -0.96
CA PRO A 110 -4.35 -28.32 0.02
C PRO A 110 -2.92 -28.72 -0.37
N ASP A 111 -2.76 -29.89 -1.00
CA ASP A 111 -1.45 -30.42 -1.40
C ASP A 111 -1.06 -30.07 -2.83
N ALA A 112 -1.97 -29.41 -3.56
CA ALA A 112 -1.69 -28.92 -4.91
C ALA A 112 -0.73 -27.73 -4.89
N VAL A 113 0.42 -27.94 -5.52
CA VAL A 113 1.50 -26.98 -5.52
C VAL A 113 1.31 -25.93 -6.64
N VAL A 114 0.33 -25.05 -6.45
CA VAL A 114 -0.08 -24.11 -7.50
C VAL A 114 0.03 -22.64 -7.09
N HIS A 115 0.62 -22.39 -5.91
CA HIS A 115 0.67 -21.06 -5.33
C HIS A 115 2.07 -20.48 -5.37
N MET A 116 2.19 -19.29 -5.95
CA MET A 116 3.42 -18.53 -5.87
C MET A 116 3.79 -18.38 -4.39
N ARG A 117 5.04 -18.65 -4.08
CA ARG A 117 5.53 -18.62 -2.71
C ARG A 117 5.25 -17.27 -2.06
N ALA A 118 5.61 -16.18 -2.76
CA ALA A 118 5.39 -14.83 -2.27
C ALA A 118 3.90 -14.48 -2.05
N ASP A 119 3.01 -15.12 -2.82
CA ASP A 119 1.59 -14.89 -2.64
C ASP A 119 1.13 -15.56 -1.36
N GLY A 120 1.66 -16.74 -1.08
CA GLY A 120 1.39 -17.47 0.16
C GLY A 120 1.87 -16.72 1.39
N GLU A 121 3.08 -16.18 1.34
CA GLU A 121 3.59 -15.31 2.44
C GLU A 121 2.71 -14.09 2.65
N ALA A 122 2.39 -13.44 1.56
CA ALA A 122 1.49 -12.30 1.61
C ALA A 122 0.14 -12.64 2.27
N ALA A 123 -0.48 -13.72 1.85
CA ALA A 123 -1.81 -14.07 2.36
C ALA A 123 -1.76 -14.51 3.82
N ALA A 124 -0.66 -15.12 4.23
CA ALA A 124 -0.53 -15.62 5.58
C ALA A 124 -0.48 -14.55 6.68
N ARG A 125 -0.20 -13.30 6.31
CA ARG A 125 -0.17 -12.20 7.29
C ARG A 125 -1.54 -11.89 7.84
N ALA A 126 -2.57 -12.32 7.11
CA ALA A 126 -3.93 -12.23 7.57
C ALA A 126 -4.12 -12.75 8.99
N GLN A 127 -3.44 -13.84 9.32
CA GLN A 127 -3.62 -14.50 10.60
C GLN A 127 -3.21 -13.64 11.79
N ARG A 128 -2.10 -12.92 11.66
CA ARG A 128 -1.60 -12.10 12.76
C ARG A 128 -2.60 -11.02 13.18
N PHE A 129 -3.32 -10.46 12.23
CA PHE A 129 -4.39 -9.52 12.52
C PHE A 129 -5.54 -10.16 13.32
N VAL A 130 -5.90 -11.38 12.92
CA VAL A 130 -6.91 -12.15 13.62
C VAL A 130 -6.45 -12.47 15.04
N GLU A 131 -5.20 -12.87 15.20
CA GLU A 131 -4.61 -13.10 16.54
C GLU A 131 -4.68 -11.91 17.48
N LEU A 132 -4.63 -10.69 16.96
CA LEU A 132 -4.80 -9.49 17.81
C LEU A 132 -6.26 -9.25 18.26
N GLY A 133 -7.21 -10.06 17.80
CA GLY A 133 -8.60 -9.93 18.20
C GLY A 133 -9.43 -9.19 17.20
N LEU A 134 -9.01 -9.17 15.94
CA LEU A 134 -9.80 -8.53 14.88
C LEU A 134 -10.70 -9.56 14.20
N ASN A 135 -11.92 -9.13 13.92
CA ASN A 135 -12.95 -9.98 13.34
C ASN A 135 -12.49 -10.58 11.98
N PRO A 136 -12.43 -11.92 11.89
CA PRO A 136 -11.96 -12.59 10.67
C PRO A 136 -12.66 -12.12 9.38
N ASP A 137 -13.97 -11.87 9.47
CA ASP A 137 -14.82 -11.39 8.36
C ASP A 137 -14.41 -9.98 7.92
N GLN A 138 -14.18 -9.11 8.89
CA GLN A 138 -13.73 -7.74 8.65
C GLN A 138 -12.29 -7.74 8.10
N VAL A 139 -11.46 -8.60 8.63
CA VAL A 139 -10.12 -8.77 8.16
C VAL A 139 -10.07 -9.18 6.67
N VAL A 140 -10.87 -10.16 6.29
CA VAL A 140 -11.01 -10.56 4.89
C VAL A 140 -11.64 -9.46 4.02
N LEU A 141 -12.66 -8.77 4.57
CA LEU A 141 -13.23 -7.60 3.92
C LEU A 141 -12.16 -6.53 3.58
N VAL A 142 -11.28 -6.22 4.52
CA VAL A 142 -10.24 -5.22 4.28
C VAL A 142 -9.32 -5.63 3.10
N VAL A 143 -8.87 -6.88 3.11
CA VAL A 143 -8.12 -7.46 1.99
C VAL A 143 -8.84 -7.29 0.68
N ARG A 144 -10.12 -7.64 0.67
CA ARG A 144 -10.94 -7.51 -0.52
C ARG A 144 -10.90 -6.08 -1.05
N VAL A 145 -11.09 -5.12 -0.14
CA VAL A 145 -11.21 -3.73 -0.53
C VAL A 145 -9.85 -3.17 -0.96
N LEU A 146 -8.81 -3.51 -0.19
CA LEU A 146 -7.44 -3.14 -0.52
C LEU A 146 -6.99 -3.66 -1.89
N ALA A 147 -7.25 -4.94 -2.14
CA ALA A 147 -6.92 -5.60 -3.40
C ALA A 147 -7.62 -4.97 -4.59
N GLU A 148 -8.89 -4.65 -4.42
CA GLU A 148 -9.65 -3.90 -5.45
C GLU A 148 -8.92 -2.60 -5.81
N GLY A 149 -8.61 -1.79 -4.80
CA GLY A 149 -7.91 -0.52 -5.00
C GLY A 149 -6.57 -0.68 -5.66
N LEU A 150 -5.83 -1.70 -5.23
CA LEU A 150 -4.50 -1.92 -5.73
C LEU A 150 -4.45 -2.48 -7.13
N SER A 151 -5.50 -3.16 -7.59
CA SER A 151 -5.47 -3.75 -8.93
C SER A 151 -5.50 -2.62 -9.95
N HIS A 152 -6.42 -1.68 -9.75
CA HIS A 152 -6.43 -0.40 -10.47
C HIS A 152 -5.06 0.35 -10.42
N ALA A 153 -4.52 0.56 -9.24
CA ALA A 153 -3.17 1.18 -9.13
C ALA A 153 -2.09 0.41 -9.94
N ALA A 154 -2.13 -0.91 -9.87
CA ALA A 154 -1.18 -1.75 -10.57
C ALA A 154 -1.29 -1.60 -12.07
N GLU A 155 -2.54 -1.55 -12.59
CA GLU A 155 -2.80 -1.27 -13.99
C GLU A 155 -2.03 -0.04 -14.46
N ALA A 156 -2.32 1.09 -13.80
CA ALA A 156 -1.77 2.40 -14.19
C ALA A 156 -0.26 2.43 -14.04
N MET A 157 0.25 1.68 -13.05
CA MET A 157 1.70 1.59 -12.83
C MET A 157 2.36 0.93 -14.03
N ARG A 158 1.67 -0.05 -14.60
CA ARG A 158 2.22 -0.84 -15.73
C ARG A 158 2.34 0.00 -16.98
N TYR A 159 1.24 0.68 -17.32
CA TYR A 159 1.19 1.68 -18.37
C TYR A 159 2.26 2.76 -18.17
N THR A 160 2.44 3.22 -16.93
CA THR A 160 3.45 4.24 -16.64
C THR A 160 4.85 3.72 -17.02
N ALA A 161 5.15 2.50 -16.59
CA ALA A 161 6.47 1.93 -16.78
C ALA A 161 6.72 1.66 -18.26
N LEU A 162 5.74 1.02 -18.89
CA LEU A 162 5.74 0.77 -20.35
C LEU A 162 5.97 2.04 -21.16
N GLU A 163 5.27 3.11 -20.83
CA GLU A 163 5.43 4.36 -21.55
C GLU A 163 6.87 4.87 -21.49
N ALA A 164 7.54 4.64 -20.35
CA ALA A 164 8.90 5.12 -20.12
C ALA A 164 9.95 4.33 -20.91
N ILE A 165 9.69 3.05 -21.17
CA ILE A 165 10.62 2.22 -21.93
C ILE A 165 10.36 2.20 -23.44
N MET A 166 9.11 2.34 -23.87
CA MET A 166 8.77 2.23 -25.29
C MET A 166 9.31 3.42 -26.07
N ARG A 167 10.17 3.14 -27.04
CA ARG A 167 10.73 4.14 -27.97
C ARG A 167 10.68 3.51 -29.34
N PRO A 168 10.16 4.23 -30.37
CA PRO A 168 10.20 3.68 -31.74
C PRO A 168 11.58 3.14 -32.13
N GLY A 169 11.57 2.07 -32.92
CA GLY A 169 12.79 1.34 -33.24
C GLY A 169 13.21 0.42 -32.11
N ALA A 170 12.33 0.23 -31.12
CA ALA A 170 12.61 -0.69 -30.00
C ALA A 170 12.19 -2.10 -30.37
N THR A 171 13.16 -3.01 -30.40
CA THR A 171 12.88 -4.42 -30.53
C THR A 171 12.26 -4.94 -29.24
N GLU A 172 11.61 -6.09 -29.33
CA GLU A 172 10.99 -6.76 -28.20
C GLU A 172 12.05 -7.04 -27.10
N LEU A 173 13.22 -7.50 -27.52
CA LEU A 173 14.33 -7.75 -26.63
C LEU A 173 14.84 -6.47 -25.95
N ASP A 174 14.90 -5.37 -26.71
CA ASP A 174 15.30 -4.05 -26.22
C ASP A 174 14.37 -3.62 -25.15
N ILE A 175 13.08 -3.83 -25.39
CA ILE A 175 12.06 -3.50 -24.40
C ILE A 175 12.21 -4.35 -23.12
N ALA A 176 12.47 -5.66 -23.30
CA ALA A 176 12.64 -6.60 -22.20
C ALA A 176 13.78 -6.18 -21.28
N LYS A 177 14.92 -5.88 -21.88
CA LYS A 177 16.11 -5.46 -21.16
C LYS A 177 15.94 -4.08 -20.51
N GLY A 178 15.27 -3.18 -21.22
CA GLY A 178 14.99 -1.82 -20.71
C GLY A 178 14.03 -1.82 -19.51
N SER A 179 13.06 -2.72 -19.53
CA SER A 179 12.15 -2.89 -18.43
C SER A 179 12.86 -3.52 -17.24
N GLN A 180 13.78 -4.43 -17.47
CA GLN A 180 14.64 -4.93 -16.38
C GLN A 180 15.43 -3.82 -15.67
N ALA A 181 16.12 -3.03 -16.45
CA ALA A 181 16.92 -1.94 -15.94
C ALA A 181 16.05 -0.94 -15.16
N LEU A 182 14.90 -0.59 -15.71
CA LEU A 182 14.06 0.45 -15.15
C LEU A 182 13.29 -0.03 -13.95
N VAL A 183 12.65 -1.17 -14.09
CA VAL A 183 11.84 -1.70 -13.00
C VAL A 183 12.71 -2.13 -11.79
N SER A 184 13.95 -2.50 -12.06
CA SER A 184 14.87 -2.83 -11.00
C SER A 184 15.15 -1.61 -10.08
N GLN A 185 15.17 -0.42 -10.66
CA GLN A 185 15.35 0.83 -9.93
C GLN A 185 14.09 1.33 -9.23
N ILE A 186 12.93 1.01 -9.77
CA ILE A 186 11.65 1.43 -9.24
C ILE A 186 11.17 0.62 -8.00
N VAL A 187 11.42 -0.68 -8.00
CA VAL A 187 10.94 -1.57 -6.96
C VAL A 187 11.24 -1.12 -5.54
N PRO A 188 12.51 -0.74 -5.22
CA PRO A 188 12.81 -0.33 -3.83
C PRO A 188 12.06 0.91 -3.35
N LEU A 189 11.64 1.74 -4.30
CA LEU A 189 10.87 2.92 -4.01
C LEU A 189 9.41 2.64 -3.78
N LEU A 190 8.91 1.56 -4.36
CA LEU A 190 7.48 1.31 -4.40
C LEU A 190 6.88 0.92 -3.06
N GLY A 191 7.60 0.09 -2.34
CA GLY A 191 7.11 -0.44 -1.07
C GLY A 191 6.90 0.65 -0.04
N PRO A 192 7.97 1.41 0.28
CA PRO A 192 7.86 2.61 1.13
C PRO A 192 6.81 3.63 0.62
N MET A 193 6.69 3.72 -0.70
CA MET A 193 5.73 4.62 -1.31
C MET A 193 4.30 4.28 -0.92
N ILE A 194 3.94 3.01 -1.10
CA ILE A 194 2.59 2.56 -0.83
C ILE A 194 2.24 2.55 0.68
N GLN A 195 3.21 2.25 1.50
CA GLN A 195 3.10 2.31 2.92
C GLN A 195 2.80 3.74 3.40
N ASP A 196 3.55 4.72 2.89
CA ASP A 196 3.32 6.10 3.17
C ASP A 196 1.93 6.58 2.72
N MET A 197 1.48 6.12 1.56
CA MET A 197 0.19 6.45 1.04
C MET A 197 -0.96 5.80 1.85
N LEU A 198 -0.70 4.64 2.47
CA LEU A 198 -1.68 4.10 3.39
C LEU A 198 -1.76 4.93 4.68
N PHE A 199 -0.61 5.22 5.28
CA PHE A 199 -0.62 5.94 6.56
C PHE A 199 -1.15 7.36 6.42
N MET A 200 -0.90 7.96 5.26
CA MET A 200 -1.46 9.25 4.88
C MET A 200 -2.98 9.24 4.91
N GLN A 201 -3.61 8.13 4.48
CA GLN A 201 -5.09 8.02 4.51
C GLN A 201 -5.60 7.78 5.92
N LEU A 202 -4.84 7.02 6.68
CA LEU A 202 -5.17 6.74 8.06
C LEU A 202 -5.12 8.00 8.93
N ARG A 203 -4.10 8.82 8.71
CA ARG A 203 -3.99 10.12 9.40
C ARG A 203 -5.16 11.06 9.06
N HIS A 204 -5.56 11.10 7.80
CA HIS A 204 -6.61 12.00 7.31
C HIS A 204 -7.96 11.60 7.87
N MET A 205 -8.21 10.31 7.86
CA MET A 205 -9.44 9.74 8.37
C MET A 205 -9.55 9.92 9.88
N MET A 206 -8.42 9.78 10.57
CA MET A 206 -8.37 9.94 12.01
C MET A 206 -8.65 11.38 12.42
N GLU A 207 -8.00 12.33 11.74
CA GLU A 207 -8.19 13.74 12.06
C GLU A 207 -9.57 14.23 11.59
N THR A 208 -10.00 13.78 10.41
CA THR A 208 -11.37 13.98 9.93
C THR A 208 -12.35 13.32 10.90
N ASN B 24 -5.09 24.80 35.44
CA ASN B 24 -6.49 24.31 35.56
C ASN B 24 -6.96 23.77 34.22
N ILE B 25 -7.81 22.74 34.26
CA ILE B 25 -8.26 22.05 33.05
C ILE B 25 -9.49 22.73 32.43
N ASP B 26 -10.40 23.21 33.28
CA ASP B 26 -11.71 23.77 32.88
C ASP B 26 -11.85 24.36 31.44
N ASP B 27 -10.88 25.11 30.95
CA ASP B 27 -11.00 25.66 29.59
C ASP B 27 -10.81 24.58 28.51
N LEU B 28 -10.08 23.52 28.86
CA LEU B 28 -10.07 22.30 28.04
C LEU B 28 -11.45 21.61 28.06
N LEU B 29 -12.22 21.79 29.12
CA LEU B 29 -13.53 21.15 29.25
C LEU B 29 -14.64 21.94 28.56
N GLY B 30 -14.52 23.27 28.51
CA GLY B 30 -15.49 24.12 27.83
C GLY B 30 -16.93 24.06 28.37
N ASP B 31 -17.86 23.89 27.42
CA ASP B 31 -19.32 23.86 27.68
C ASP B 31 -19.80 22.53 28.30
N LEU B 32 -18.97 21.50 28.23
CA LEU B 32 -19.35 20.18 28.70
C LEU B 32 -19.87 20.17 30.14
N GLY B 33 -20.88 19.35 30.39
CA GLY B 33 -21.43 19.17 31.71
C GLY B 33 -21.70 17.71 32.00
N GLY B 34 -22.12 17.44 33.25
CA GLY B 34 -22.55 16.11 33.69
C GLY B 34 -21.52 15.01 33.48
N THR B 35 -22.00 13.90 32.94
CA THR B 35 -21.18 12.70 32.72
C THR B 35 -20.12 12.94 31.66
N ALA B 36 -20.49 13.70 30.63
CA ALA B 36 -19.56 14.03 29.56
C ALA B 36 -18.35 14.81 30.04
N ARG B 37 -18.58 15.80 30.89
CA ARG B 37 -17.47 16.59 31.45
C ARG B 37 -16.55 15.77 32.37
N ALA B 38 -17.14 14.90 33.19
CA ALA B 38 -16.40 14.02 34.09
C ALA B 38 -15.52 13.00 33.33
N GLU B 39 -16.02 12.51 32.20
CA GLU B 39 -15.29 11.53 31.39
C GLU B 39 -14.18 12.24 30.61
N ARG B 40 -14.47 13.46 30.18
CA ARG B 40 -13.49 14.29 29.48
C ARG B 40 -12.36 14.67 30.41
N ALA B 41 -12.66 14.87 31.70
CA ALA B 41 -11.63 15.28 32.66
C ALA B 41 -10.58 14.17 32.82
N LYS B 42 -11.06 12.95 33.02
CA LYS B 42 -10.19 11.79 33.16
C LYS B 42 -9.39 11.48 31.87
N LEU B 43 -9.97 11.76 30.72
CA LEU B 43 -9.28 11.58 29.44
C LEU B 43 -8.17 12.64 29.28
N VAL B 44 -8.53 13.89 29.53
CA VAL B 44 -7.58 15.00 29.41
C VAL B 44 -6.40 14.79 30.38
N GLU B 45 -6.72 14.25 31.55
CA GLU B 45 -5.77 13.94 32.60
C GLU B 45 -4.77 12.87 32.15
N TRP B 46 -5.27 11.82 31.51
CA TRP B 46 -4.42 10.76 30.95
C TRP B 46 -3.54 11.25 29.78
N LEU B 47 -4.09 12.12 28.94
CA LEU B 47 -3.34 12.66 27.80
C LEU B 47 -2.15 13.53 28.24
N LEU B 48 -2.36 14.34 29.29
CA LEU B 48 -1.28 15.19 29.84
C LEU B 48 -0.12 14.37 30.39
N GLU B 49 -0.45 13.26 31.05
CA GLU B 49 0.55 12.30 31.54
C GLU B 49 1.25 11.60 30.38
N GLN B 50 0.54 11.46 29.28
CA GLN B 50 1.08 10.91 28.03
C GLN B 50 2.06 11.89 27.34
N GLY B 51 2.18 13.10 27.89
CA GLY B 51 3.08 14.11 27.36
C GLY B 51 2.43 14.97 26.29
N ILE B 52 1.11 15.08 26.31
CA ILE B 52 0.38 15.93 25.39
C ILE B 52 0.06 17.24 26.10
N THR B 53 0.04 18.34 25.35
CA THR B 53 -0.13 19.66 25.93
C THR B 53 -1.60 20.05 25.99
N PRO B 54 -1.92 21.02 26.86
CA PRO B 54 -3.22 21.67 26.76
C PRO B 54 -3.45 22.19 25.35
N ASP B 55 -2.37 22.71 24.75
CA ASP B 55 -2.42 23.31 23.42
C ASP B 55 -2.96 22.34 22.35
N GLU B 56 -2.46 21.11 22.36
CA GLU B 56 -2.88 20.07 21.40
C GLU B 56 -4.32 19.60 21.59
N ILE B 57 -4.76 19.55 22.85
CA ILE B 57 -6.12 19.12 23.22
C ILE B 57 -7.18 20.13 22.75
N ARG B 58 -6.94 21.43 22.92
CA ARG B 58 -7.84 22.49 22.45
C ARG B 58 -8.09 22.39 20.94
N ALA B 59 -7.01 22.20 20.18
CA ALA B 59 -7.06 22.21 18.72
C ALA B 59 -7.62 20.94 18.11
N THR B 60 -7.86 19.93 18.95
CA THR B 60 -8.33 18.64 18.48
C THR B 60 -9.63 18.25 19.17
N ASN B 61 -10.71 18.19 18.40
CA ASN B 61 -11.98 17.73 18.91
C ASN B 61 -12.62 16.60 18.09
N PRO B 62 -12.94 15.48 18.76
CA PRO B 62 -12.69 15.28 20.17
C PRO B 62 -11.22 14.94 20.38
N PRO B 63 -10.68 15.16 21.58
CA PRO B 63 -9.28 14.82 21.85
C PRO B 63 -8.99 13.31 21.97
N LEU B 64 -10.01 12.49 21.72
CA LEU B 64 -9.95 11.04 21.85
C LEU B 64 -8.78 10.36 21.13
N LEU B 65 -8.42 10.83 19.94
CA LEU B 65 -7.43 10.13 19.14
C LEU B 65 -6.01 10.71 19.18
N LEU B 66 -5.73 11.58 20.15
CA LEU B 66 -4.44 12.26 20.21
C LEU B 66 -3.30 11.32 20.57
N ALA B 67 -3.57 10.37 21.46
CA ALA B 67 -2.57 9.35 21.79
C ALA B 67 -2.58 8.14 20.83
N THR B 68 -3.21 8.28 19.67
CA THR B 68 -3.25 7.22 18.64
C THR B 68 -2.70 7.72 17.30
N ARG B 69 -2.82 9.03 17.06
CA ARG B 69 -2.43 9.62 15.80
C ARG B 69 -0.91 9.61 15.58
N HIS B 70 -0.14 9.81 16.64
CA HIS B 70 1.31 9.67 16.54
C HIS B 70 1.75 8.27 16.10
N LEU B 71 0.92 7.24 16.38
CA LEU B 71 1.20 5.86 15.96
C LEU B 71 1.04 5.69 14.46
N VAL B 72 0.24 6.57 13.83
CA VAL B 72 0.14 6.61 12.38
C VAL B 72 0.95 7.74 11.78
N GLY B 73 1.76 8.41 12.59
CA GLY B 73 2.70 9.41 12.09
C GLY B 73 2.21 10.85 12.09
N ASP B 74 1.11 11.15 12.78
CA ASP B 74 0.71 12.54 12.99
C ASP B 74 1.30 12.99 14.31
N ASP B 75 2.36 13.78 14.26
CA ASP B 75 3.01 14.27 15.48
C ASP B 75 2.47 15.64 15.89
N GLY B 76 1.65 16.24 15.04
CA GLY B 76 1.16 17.61 15.27
C GLY B 76 1.88 18.69 14.46
N THR B 77 3.01 18.34 13.87
CA THR B 77 3.82 19.27 13.09
C THR B 77 3.16 19.48 11.73
N TYR B 78 3.12 20.74 11.28
CA TYR B 78 2.57 21.09 9.98
C TYR B 78 3.62 21.88 9.17
N VAL B 79 3.54 21.75 7.86
CA VAL B 79 4.53 22.36 6.95
C VAL B 79 3.86 22.96 5.73
N SER B 80 4.60 23.83 5.05
CA SER B 80 4.19 24.35 3.76
C SER B 80 4.87 23.56 2.64
N ALA B 81 4.26 23.62 1.46
CA ALA B 81 4.81 22.99 0.27
C ALA B 81 6.22 23.50 -0.03
N ARG B 82 6.43 24.81 0.11
CA ARG B 82 7.77 25.42 -0.08
C ARG B 82 8.84 24.88 0.90
N GLU B 83 8.50 24.72 2.17
CA GLU B 83 9.37 24.13 3.17
C GLU B 83 9.78 22.73 2.74
N ILE B 84 8.80 21.93 2.33
CA ILE B 84 9.03 20.58 1.84
C ILE B 84 10.00 20.58 0.65
N SER B 85 9.74 21.47 -0.29
CA SER B 85 10.55 21.65 -1.49
C SER B 85 12.01 21.91 -1.17
N GLU B 86 12.21 22.88 -0.28
CA GLU B 86 13.55 23.34 0.05
C GLU B 86 14.25 22.29 0.91
N ASN B 87 13.52 21.73 1.88
CA ASN B 87 14.08 20.77 2.83
C ASN B 87 14.46 19.42 2.20
N TYR B 88 13.64 18.93 1.26
CA TYR B 88 13.93 17.68 0.61
C TYR B 88 14.47 17.84 -0.82
N GLY B 89 14.63 19.09 -1.25
CA GLY B 89 15.24 19.38 -2.53
C GLY B 89 14.42 18.88 -3.69
N VAL B 90 13.10 19.02 -3.62
CA VAL B 90 12.22 18.59 -4.74
C VAL B 90 11.57 19.80 -5.42
N ASP B 91 11.08 19.57 -6.66
CA ASP B 91 10.42 20.60 -7.46
C ASP B 91 9.09 20.94 -6.79
N LEU B 92 8.82 22.23 -6.63
CA LEU B 92 7.65 22.72 -5.91
C LEU B 92 6.39 22.45 -6.66
N GLU B 93 6.43 22.64 -7.97
CA GLU B 93 5.21 22.56 -8.77
C GLU B 93 4.74 21.11 -8.91
N LEU B 94 5.66 20.22 -9.23
CA LEU B 94 5.39 18.79 -9.21
C LEU B 94 4.82 18.34 -7.86
N LEU B 95 5.47 18.78 -6.78
CA LEU B 95 5.04 18.50 -5.42
C LEU B 95 3.59 18.89 -5.20
N GLN B 96 3.21 20.08 -5.64
CA GLN B 96 1.85 20.54 -5.44
C GLN B 96 0.83 19.72 -6.25
N ARG B 97 1.23 19.28 -7.46
CA ARG B 97 0.38 18.37 -8.23
C ARG B 97 0.07 17.10 -7.43
N VAL B 98 1.07 16.57 -6.74
CA VAL B 98 0.94 15.32 -5.99
C VAL B 98 0.03 15.53 -4.76
N GLN B 99 0.25 16.65 -4.06
CA GLN B 99 -0.62 17.07 -2.98
C GLN B 99 -2.07 17.19 -3.38
N ARG B 100 -2.32 17.71 -4.57
CA ARG B 100 -3.69 17.75 -5.12
C ARG B 100 -4.23 16.32 -5.37
N ALA B 101 -3.37 15.48 -5.94
CA ALA B 101 -3.76 14.10 -6.32
C ALA B 101 -4.09 13.25 -5.12
N VAL B 102 -3.36 13.45 -4.03
CA VAL B 102 -3.70 12.78 -2.78
C VAL B 102 -4.99 13.37 -2.23
N GLY B 103 -5.12 14.69 -2.25
CA GLY B 103 -6.40 15.35 -2.01
C GLY B 103 -6.88 15.39 -0.57
N LEU B 104 -5.96 15.60 0.37
CA LEU B 104 -6.32 15.68 1.79
C LEU B 104 -6.38 17.06 2.41
N ALA B 105 -5.61 18.01 1.90
CA ALA B 105 -5.74 19.39 2.37
C ALA B 105 -6.07 20.23 1.15
N ARG B 106 -6.93 21.22 1.28
CA ARG B 106 -7.10 22.09 0.11
C ARG B 106 -6.07 23.20 0.03
N VAL B 107 -6.23 24.23 0.86
CA VAL B 107 -5.41 25.44 0.70
C VAL B 107 -4.25 25.12 -0.28
N ASP B 108 -4.40 25.64 -1.50
CA ASP B 108 -3.48 25.42 -2.60
C ASP B 108 -2.62 26.68 -2.77
N ASP B 109 -1.90 26.98 -1.70
CA ASP B 109 -1.01 28.12 -1.59
C ASP B 109 0.32 27.49 -1.14
N PRO B 110 1.43 27.71 -1.91
CA PRO B 110 2.72 27.06 -1.59
C PRO B 110 3.31 27.44 -0.22
N ASP B 111 2.86 28.55 0.35
CA ASP B 111 3.35 29.01 1.65
C ASP B 111 2.35 28.75 2.78
N ALA B 112 1.22 28.14 2.45
CA ALA B 112 0.23 27.77 3.46
C ALA B 112 0.71 26.54 4.22
N VAL B 113 0.89 26.72 5.52
CA VAL B 113 1.40 25.72 6.45
C VAL B 113 0.23 24.82 6.89
N VAL B 114 -0.26 23.98 5.97
CA VAL B 114 -1.45 23.18 6.21
C VAL B 114 -1.26 21.68 6.01
N HIS B 115 -0.01 21.24 5.85
CA HIS B 115 0.26 19.84 5.51
C HIS B 115 0.93 19.18 6.69
N MET B 116 0.38 18.07 7.16
CA MET B 116 1.08 17.32 8.17
C MET B 116 2.47 16.99 7.63
N ARG B 117 3.50 17.14 8.48
CA ARG B 117 4.90 16.83 8.11
C ARG B 117 5.04 15.52 7.33
N ALA B 118 4.51 14.43 7.87
CA ALA B 118 4.60 13.11 7.24
C ALA B 118 3.91 13.06 5.87
N ASP B 119 2.91 13.91 5.68
CA ASP B 119 2.24 14.00 4.37
C ASP B 119 3.13 14.73 3.37
N GLY B 120 3.86 15.73 3.84
CA GLY B 120 4.78 16.45 2.99
C GLY B 120 5.89 15.58 2.48
N GLU B 121 6.48 14.84 3.39
CA GLU B 121 7.59 13.92 3.10
C GLU B 121 7.13 12.79 2.18
N ALA B 122 5.93 12.26 2.43
CA ALA B 122 5.36 11.28 1.53
C ALA B 122 5.19 11.87 0.10
N ALA B 123 4.60 13.04 -0.03
CA ALA B 123 4.45 13.66 -1.35
C ALA B 123 5.79 13.94 -2.06
N ALA B 124 6.82 14.17 -1.27
CA ALA B 124 8.14 14.44 -1.77
C ALA B 124 8.82 13.24 -2.43
N ARG B 125 8.30 12.02 -2.21
CA ARG B 125 8.87 10.82 -2.81
C ARG B 125 8.55 10.74 -4.29
N ALA B 126 7.45 11.34 -4.70
CA ALA B 126 6.98 11.16 -6.06
C ALA B 126 8.03 11.56 -7.10
N GLN B 127 8.85 12.56 -6.78
CA GLN B 127 9.78 13.12 -7.76
C GLN B 127 10.88 12.16 -8.17
N ARG B 128 11.21 11.24 -7.27
CA ARG B 128 12.25 10.26 -7.55
C ARG B 128 11.85 9.32 -8.67
N PHE B 129 10.56 9.00 -8.75
CA PHE B 129 10.00 8.21 -9.83
C PHE B 129 10.16 8.97 -11.15
N VAL B 130 9.94 10.29 -11.09
CA VAL B 130 10.07 11.14 -12.29
C VAL B 130 11.53 11.19 -12.79
N GLU B 131 12.48 11.32 -11.87
CA GLU B 131 13.88 11.41 -12.24
C GLU B 131 14.42 10.14 -12.89
N LEU B 132 13.69 9.02 -12.70
CA LEU B 132 14.01 7.74 -13.33
C LEU B 132 13.42 7.63 -14.74
N GLY B 133 12.73 8.68 -15.18
CA GLY B 133 12.18 8.75 -16.51
C GLY B 133 10.70 8.45 -16.61
N LEU B 134 10.01 8.39 -15.48
CA LEU B 134 8.58 8.17 -15.54
C LEU B 134 7.88 9.49 -15.85
N ASN B 135 6.83 9.42 -16.63
CA ASN B 135 6.09 10.62 -17.03
C ASN B 135 5.34 11.25 -15.83
N PRO B 136 5.60 12.55 -15.55
CA PRO B 136 4.99 13.28 -14.41
C PRO B 136 3.45 13.28 -14.44
N ASP B 137 2.85 13.32 -15.63
CA ASP B 137 1.39 13.20 -15.72
C ASP B 137 0.93 11.85 -15.21
N GLN B 138 1.65 10.81 -15.59
CA GLN B 138 1.28 9.45 -15.24
C GLN B 138 1.52 9.14 -13.76
N VAL B 139 2.64 9.63 -13.26
CA VAL B 139 2.95 9.53 -11.82
C VAL B 139 1.85 10.15 -10.97
N VAL B 140 1.50 11.39 -11.31
CA VAL B 140 0.40 12.11 -10.67
C VAL B 140 -0.93 11.33 -10.78
N LEU B 141 -1.16 10.71 -11.92
CA LEU B 141 -2.37 9.89 -12.09
C LEU B 141 -2.36 8.65 -11.18
N VAL B 142 -1.22 7.97 -11.08
CA VAL B 142 -1.08 6.81 -10.19
C VAL B 142 -1.39 7.14 -8.72
N VAL B 143 -0.83 8.25 -8.26
CA VAL B 143 -1.06 8.78 -6.91
C VAL B 143 -2.55 8.98 -6.70
N ARG B 144 -3.19 9.61 -7.66
CA ARG B 144 -4.65 9.85 -7.67
C ARG B 144 -5.47 8.53 -7.50
N VAL B 145 -5.12 7.50 -8.26
CA VAL B 145 -5.86 6.24 -8.22
C VAL B 145 -5.55 5.48 -6.94
N LEU B 146 -4.29 5.55 -6.50
CA LEU B 146 -3.88 4.92 -5.25
C LEU B 146 -4.58 5.52 -4.04
N ALA B 147 -4.58 6.84 -3.96
CA ALA B 147 -5.23 7.53 -2.87
C ALA B 147 -6.70 7.13 -2.76
N GLU B 148 -7.39 7.08 -3.90
CA GLU B 148 -8.78 6.72 -3.93
C GLU B 148 -9.05 5.29 -3.48
N GLY B 149 -8.26 4.34 -3.99
CA GLY B 149 -8.33 2.96 -3.51
C GLY B 149 -8.06 2.78 -2.02
N LEU B 150 -7.04 3.48 -1.54
CA LEU B 150 -6.63 3.43 -0.13
C LEU B 150 -7.60 4.13 0.83
N SER B 151 -8.27 5.17 0.36
CA SER B 151 -9.26 5.86 1.20
C SER B 151 -10.46 4.96 1.53
N HIS B 152 -10.84 4.08 0.61
CA HIS B 152 -11.83 3.07 0.90
C HIS B 152 -11.34 2.01 1.89
N ALA B 153 -10.15 1.47 1.66
CA ALA B 153 -9.57 0.52 2.61
C ALA B 153 -9.41 1.13 4.01
N ALA B 154 -9.04 2.41 4.07
CA ALA B 154 -8.92 3.13 5.33
C ALA B 154 -10.22 3.08 6.13
N GLU B 155 -11.32 3.40 5.46
CA GLU B 155 -12.62 3.44 6.11
C GLU B 155 -13.03 2.03 6.55
N ALA B 156 -12.73 1.02 5.72
CA ALA B 156 -13.00 -0.38 6.10
C ALA B 156 -12.16 -0.76 7.33
N MET B 157 -10.92 -0.27 7.31
CA MET B 157 -9.97 -0.49 8.42
C MET B 157 -10.46 0.15 9.71
N ARG B 158 -11.00 1.36 9.59
CA ARG B 158 -11.50 2.12 10.73
C ARG B 158 -12.59 1.35 11.46
N TYR B 159 -13.58 0.88 10.70
CA TYR B 159 -14.71 0.12 11.24
C TYR B 159 -14.23 -1.13 11.93
N THR B 160 -13.32 -1.85 11.25
CA THR B 160 -12.70 -3.08 11.78
C THR B 160 -12.07 -2.85 13.17
N ALA B 161 -11.30 -1.77 13.29
CA ALA B 161 -10.60 -1.46 14.54
C ALA B 161 -11.59 -1.09 15.64
N LEU B 162 -12.56 -0.25 15.30
CA LEU B 162 -13.62 0.20 16.24
C LEU B 162 -14.41 -0.92 16.85
N GLU B 163 -14.83 -1.84 15.99
CA GLU B 163 -15.48 -3.08 16.43
C GLU B 163 -14.70 -3.73 17.57
N ALA B 164 -13.38 -3.78 17.42
CA ALA B 164 -12.51 -4.45 18.37
C ALA B 164 -12.31 -3.63 19.65
N ILE B 165 -12.33 -2.31 19.54
CA ILE B 165 -12.12 -1.41 20.67
C ILE B 165 -13.39 -1.16 21.47
N MET B 166 -14.51 -1.00 20.77
CA MET B 166 -15.73 -0.51 21.37
C MET B 166 -16.46 -1.61 22.12
N ARG B 167 -16.41 -1.54 23.46
CA ARG B 167 -17.08 -2.49 24.36
C ARG B 167 -18.14 -1.79 25.18
N PRO B 168 -19.12 -2.56 25.71
CA PRO B 168 -20.31 -2.00 26.39
C PRO B 168 -19.97 -1.10 27.56
N GLY B 169 -20.53 0.11 27.56
CA GLY B 169 -20.35 1.04 28.68
C GLY B 169 -18.98 1.67 28.81
N ALA B 170 -18.19 1.66 27.75
CA ALA B 170 -16.83 2.20 27.81
C ALA B 170 -16.85 3.74 27.88
N THR B 171 -16.01 4.28 28.75
CA THR B 171 -15.80 5.70 28.86
C THR B 171 -14.83 6.14 27.78
N GLU B 172 -14.72 7.46 27.60
CA GLU B 172 -13.74 8.03 26.68
C GLU B 172 -12.34 7.51 26.96
N LEU B 173 -12.01 7.43 28.25
CA LEU B 173 -10.67 7.01 28.67
C LEU B 173 -10.42 5.54 28.35
N ASP B 174 -11.42 4.70 28.60
CA ASP B 174 -11.39 3.29 28.21
C ASP B 174 -11.15 3.15 26.71
N ILE B 175 -11.86 3.94 25.93
CA ILE B 175 -11.71 3.93 24.47
C ILE B 175 -10.32 4.44 24.07
N ALA B 176 -9.85 5.53 24.67
CA ALA B 176 -8.50 6.04 24.41
C ALA B 176 -7.41 4.99 24.73
N LYS B 177 -7.50 4.38 25.91
CA LYS B 177 -6.55 3.31 26.30
C LYS B 177 -6.65 2.09 25.36
N GLY B 178 -7.86 1.70 25.00
CA GLY B 178 -8.08 0.54 24.15
C GLY B 178 -7.63 0.79 22.73
N SER B 179 -7.78 2.03 22.26
CA SER B 179 -7.33 2.37 20.91
C SER B 179 -5.81 2.39 20.79
N GLN B 180 -5.14 2.98 21.78
CA GLN B 180 -3.68 3.07 21.78
C GLN B 180 -3.04 1.69 21.85
N ALA B 181 -3.62 0.79 22.64
CA ALA B 181 -3.10 -0.57 22.76
C ALA B 181 -3.24 -1.34 21.45
N LEU B 182 -4.44 -1.29 20.85
CA LEU B 182 -4.73 -2.02 19.63
C LEU B 182 -3.94 -1.50 18.42
N VAL B 183 -3.97 -0.19 18.21
CA VAL B 183 -3.28 0.44 17.08
C VAL B 183 -1.77 0.27 17.21
N SER B 184 -1.25 0.28 18.43
CA SER B 184 0.17 0.02 18.68
C SER B 184 0.64 -1.37 18.17
N GLN B 185 -0.29 -2.31 18.20
CA GLN B 185 -0.01 -3.69 17.86
C GLN B 185 -0.24 -3.92 16.38
N ILE B 186 -1.21 -3.18 15.82
CA ILE B 186 -1.56 -3.31 14.42
C ILE B 186 -0.58 -2.63 13.48
N VAL B 187 -0.20 -1.39 13.81
CA VAL B 187 0.67 -0.59 12.96
C VAL B 187 1.92 -1.34 12.44
N PRO B 188 2.68 -2.01 13.32
CA PRO B 188 3.86 -2.76 12.82
C PRO B 188 3.61 -3.75 11.70
N LEU B 189 2.37 -4.27 11.62
CA LEU B 189 1.96 -5.27 10.64
C LEU B 189 1.45 -4.67 9.33
N LEU B 190 0.88 -3.47 9.41
CA LEU B 190 0.17 -2.84 8.29
C LEU B 190 1.07 -2.48 7.13
N GLY B 191 2.21 -1.92 7.44
CA GLY B 191 3.19 -1.55 6.43
C GLY B 191 3.65 -2.73 5.60
N PRO B 192 4.28 -3.73 6.23
CA PRO B 192 4.67 -4.96 5.50
C PRO B 192 3.54 -5.59 4.67
N MET B 193 2.30 -5.55 5.20
CA MET B 193 1.13 -6.14 4.56
C MET B 193 0.75 -5.39 3.29
N ILE B 194 0.66 -4.05 3.35
CA ILE B 194 0.20 -3.30 2.19
C ILE B 194 1.20 -3.42 1.02
N GLN B 195 2.46 -3.44 1.40
CA GLN B 195 3.55 -3.62 0.51
C GLN B 195 3.45 -4.98 -0.21
N ASP B 196 3.24 -6.04 0.55
CA ASP B 196 3.08 -7.39 0.02
C ASP B 196 1.87 -7.50 -0.92
N MET B 197 0.78 -6.81 -0.54
CA MET B 197 -0.44 -6.78 -1.32
C MET B 197 -0.28 -6.07 -2.63
N LEU B 198 0.50 -4.99 -2.66
CA LEU B 198 0.81 -4.34 -3.93
C LEU B 198 1.61 -5.22 -4.90
N PHE B 199 2.70 -5.79 -4.41
CA PHE B 199 3.54 -6.67 -5.22
C PHE B 199 2.82 -7.89 -5.70
N MET B 200 1.83 -8.36 -4.91
CA MET B 200 0.98 -9.46 -5.30
C MET B 200 0.08 -9.07 -6.50
N GLN B 201 -0.43 -7.84 -6.52
CA GLN B 201 -1.19 -7.33 -7.66
C GLN B 201 -0.27 -7.17 -8.89
N LEU B 202 0.96 -6.74 -8.66
CA LEU B 202 1.93 -6.55 -9.74
C LEU B 202 2.44 -7.87 -10.33
N ARG B 203 2.40 -8.97 -9.55
CA ARG B 203 2.72 -10.30 -10.03
C ARG B 203 1.65 -10.86 -10.96
N HIS B 204 0.42 -10.37 -10.83
CA HIS B 204 -0.71 -10.89 -11.58
C HIS B 204 -1.27 -9.81 -12.52
N MET B 205 -0.39 -9.22 -13.30
CA MET B 205 -0.78 -8.24 -14.31
C MET B 205 -1.34 -9.02 -15.50
N MET B 206 -0.48 -9.28 -16.49
CA MET B 206 -0.78 -10.16 -17.61
C MET B 206 0.43 -10.25 -18.55
#